data_7G1P
#
_entry.id   7G1P
#
_cell.length_a   32.158
_cell.length_b   52.964
_cell.length_c   72.240
_cell.angle_alpha   90.000
_cell.angle_beta   90.000
_cell.angle_gamma   90.000
#
_symmetry.space_group_name_H-M   'P 2 21 21'
#
loop_
_entity.id
_entity.type
_entity.pdbx_description
1 polymer 'Fatty acid-binding protein, adipocyte'
2 non-polymer 6-chloro-5-fluoro-1H-benzimidazole
3 non-polymer 'MYRISTIC ACID'
4 water water
#
_entity_poly.entity_id   1
_entity_poly.type   'polypeptide(L)'
_entity_poly.pdbx_seq_one_letter_code
;GSHMCDAFVGTWKLVSSENFDDYMKELGVGFATRKMGGMAKPNCIISVNGDVITIKTESTLKNTEISFILGQEFDEVTAD
DRKVKSTITLDGGVLVQVQKWDGKSTTIKRKREDDKLVVECVMKGVTCTRVYERA
;
_entity_poly.pdbx_strand_id   A
#
loop_
_chem_comp.id
_chem_comp.type
_chem_comp.name
_chem_comp.formula
MYR non-polymer 'MYRISTIC ACID' 'C14 H28 O2'
WPK non-polymer 6-chloro-5-fluoro-1H-benzimidazole 'C7 H4 Cl F N2'
#
# COMPACT_ATOMS: atom_id res chain seq x y z
N ASP A 6 -12.53 10.49 3.82
CA ASP A 6 -13.45 9.83 4.80
C ASP A 6 -12.65 9.59 6.03
N ALA A 7 -12.84 8.43 6.60
CA ALA A 7 -12.03 7.94 7.64
C ALA A 7 -10.58 7.91 7.18
N PHE A 8 -10.29 7.76 5.86
CA PHE A 8 -8.93 7.57 5.38
C PHE A 8 -8.16 8.85 5.06
N VAL A 9 -8.88 9.93 4.77
CA VAL A 9 -8.27 11.17 4.31
C VAL A 9 -7.30 11.70 5.34
N GLY A 10 -6.07 12.01 4.94
CA GLY A 10 -5.10 12.53 5.87
C GLY A 10 -3.68 12.35 5.42
N THR A 11 -2.75 12.82 6.24
CA THR A 11 -1.34 12.58 6.06
C THR A 11 -0.94 11.68 7.21
N TRP A 12 -0.43 10.49 6.85
CA TRP A 12 -0.13 9.44 7.78
C TRP A 12 1.37 9.13 7.77
N LYS A 13 1.96 8.86 8.92
CA LYS A 13 3.36 8.53 9.04
C LYS A 13 3.50 7.12 9.55
N LEU A 14 4.36 6.32 8.92
CA LEU A 14 4.64 4.96 9.41
C LEU A 14 5.26 4.97 10.77
N VAL A 15 4.62 4.21 11.68
CA VAL A 15 5.15 4.08 13.03
C VAL A 15 5.61 2.67 13.39
N SER A 16 5.04 1.65 12.73
CA SER A 16 5.48 0.27 12.99
C SER A 16 5.29 -0.61 11.80
N SER A 17 6.05 -1.69 11.73
CA SER A 17 6.00 -2.63 10.62
C SER A 17 6.47 -3.99 11.12
N GLU A 18 5.74 -5.02 10.75
CA GLU A 18 6.16 -6.38 11.04
C GLU A 18 6.10 -7.21 9.74
N ASN A 19 7.17 -7.93 9.48
CA ASN A 19 7.31 -8.93 8.43
C ASN A 19 7.45 -8.34 7.03
N PHE A 20 7.79 -7.05 6.91
CA PHE A 20 7.85 -6.41 5.60
C PHE A 20 8.98 -6.99 4.74
N ASP A 21 10.15 -7.34 5.35
CA ASP A 21 11.21 -8.00 4.55
C ASP A 21 10.70 -9.31 3.96
N ASP A 22 10.09 -10.17 4.79
CA ASP A 22 9.55 -11.39 4.26
C ASP A 22 8.55 -11.17 3.16
N TYR A 23 7.69 -10.17 3.31
CA TYR A 23 6.70 -9.83 2.27
C TYR A 23 7.37 -9.40 0.97
N MET A 24 8.33 -8.51 1.09
CA MET A 24 9.06 -8.09 -0.10
C MET A 24 9.78 -9.29 -0.74
N LYS A 25 10.41 -10.16 0.05
CA LYS A 25 11.05 -11.30 -0.53
C LYS A 25 10.05 -12.18 -1.32
N GLU A 26 8.86 -12.38 -0.77
CA GLU A 26 7.87 -13.25 -1.40
C GLU A 26 7.39 -12.62 -2.72
N LEU A 27 7.44 -11.29 -2.80
CA LEU A 27 7.15 -10.57 -4.09
C LEU A 27 8.25 -10.66 -5.15
N GLY A 28 9.44 -11.10 -4.74
CA GLY A 28 10.59 -11.19 -5.62
C GLY A 28 11.49 -9.97 -5.61
N VAL A 29 11.41 -9.17 -4.56
CA VAL A 29 12.22 -7.95 -4.52
C VAL A 29 13.67 -8.34 -4.15
N GLY A 30 14.61 -7.78 -4.90
CA GLY A 30 16.01 -8.09 -4.68
C GLY A 30 16.55 -7.40 -3.47
N PHE A 31 17.71 -7.81 -3.01
CA PHE A 31 18.27 -7.38 -1.78
C PHE A 31 18.44 -5.85 -1.64
N ALA A 32 19.00 -5.22 -2.66
CA ALA A 32 19.27 -3.78 -2.57
C ALA A 32 17.97 -3.04 -2.36
N THR A 33 16.90 -3.43 -3.07
CA THR A 33 15.65 -2.70 -2.91
C THR A 33 15.01 -3.04 -1.58
N ARG A 34 15.12 -4.29 -1.10
CA ARG A 34 14.58 -4.65 0.19
C ARG A 34 15.29 -3.88 1.26
N LYS A 35 16.55 -3.63 1.08
CA LYS A 35 17.32 -2.90 2.09
C LYS A 35 16.80 -1.45 2.16
N MET A 36 16.57 -0.82 1.01
CA MET A 36 15.98 0.53 0.97
C MET A 36 14.56 0.59 1.55
N GLY A 37 13.74 -0.40 1.26
CA GLY A 37 12.38 -0.43 1.81
C GLY A 37 12.30 -0.73 3.28
N GLY A 38 13.18 -1.56 3.79
CA GLY A 38 13.06 -2.06 5.13
C GLY A 38 13.11 -1.07 6.24
N MET A 39 13.98 -0.08 6.12
CA MET A 39 14.02 0.92 7.20
C MET A 39 13.43 2.28 6.74
N ALA A 40 12.83 2.34 5.53
CA ALA A 40 12.04 3.51 5.11
C ALA A 40 10.89 3.75 6.12
N LYS A 41 10.58 5.02 6.36
CA LYS A 41 9.46 5.41 7.22
C LYS A 41 8.57 6.41 6.45
N PRO A 42 7.90 5.89 5.45
CA PRO A 42 7.15 6.79 4.57
C PRO A 42 5.99 7.52 5.25
N ASN A 43 5.59 8.57 4.56
CA ASN A 43 4.31 9.16 4.76
C ASN A 43 3.38 8.66 3.66
N CYS A 44 2.12 8.54 4.02
CA CYS A 44 1.09 8.17 3.08
CA CYS A 44 1.05 8.18 3.10
C CYS A 44 0.03 9.27 3.15
N ILE A 45 -0.26 9.91 2.01
CA ILE A 45 -1.19 11.02 1.91
CA ILE A 45 -1.19 11.03 1.92
C ILE A 45 -2.36 10.57 1.10
N ILE A 46 -3.53 10.54 1.71
CA ILE A 46 -4.75 10.04 1.08
C ILE A 46 -5.73 11.17 0.94
N SER A 47 -6.21 11.34 -0.27
CA SER A 47 -7.18 12.40 -0.55
C SER A 47 -8.23 11.89 -1.53
N VAL A 48 -9.35 12.59 -1.55
CA VAL A 48 -10.46 12.19 -2.41
CA VAL A 48 -10.44 12.20 -2.44
C VAL A 48 -11.08 13.42 -3.05
N ASN A 49 -11.38 13.31 -4.35
CA ASN A 49 -12.03 14.38 -5.11
C ASN A 49 -13.07 13.71 -5.97
N GLY A 50 -14.34 13.83 -5.61
CA GLY A 50 -15.42 13.05 -6.23
C GLY A 50 -15.16 11.53 -6.23
N ASP A 51 -15.21 10.94 -7.42
CA ASP A 51 -15.03 9.54 -7.60
C ASP A 51 -13.56 9.14 -7.47
N VAL A 52 -12.61 10.09 -7.38
CA VAL A 52 -11.19 9.78 -7.57
C VAL A 52 -10.42 9.89 -6.27
N ILE A 53 -9.86 8.78 -5.85
CA ILE A 53 -9.04 8.68 -4.63
C ILE A 53 -7.58 8.68 -5.03
N THR A 54 -6.77 9.48 -4.37
CA THR A 54 -5.35 9.51 -4.60
C THR A 54 -4.64 9.07 -3.33
N ILE A 55 -3.66 8.20 -3.50
CA ILE A 55 -2.79 7.76 -2.37
C ILE A 55 -1.35 8.04 -2.82
N LYS A 56 -0.69 8.97 -2.13
CA LYS A 56 0.74 9.24 -2.35
C LYS A 56 1.53 8.58 -1.23
N THR A 57 2.65 8.00 -1.59
CA THR A 57 3.57 7.43 -0.61
C THR A 57 4.90 8.13 -0.82
N GLU A 58 5.43 8.78 0.24
CA GLU A 58 6.60 9.62 0.13
CA GLU A 58 6.62 9.59 0.10
C GLU A 58 7.64 9.17 1.11
N SER A 59 8.84 8.92 0.64
CA SER A 59 9.96 8.61 1.56
C SER A 59 11.18 9.26 0.98
N THR A 60 12.25 9.23 1.74
CA THR A 60 13.43 9.93 1.36
C THR A 60 13.99 9.50 0.02
N LEU A 61 13.95 8.20 -0.31
CA LEU A 61 14.52 7.74 -1.54
C LEU A 61 13.54 7.48 -2.70
N LYS A 62 12.25 7.56 -2.44
CA LYS A 62 11.24 7.21 -3.45
C LYS A 62 9.90 7.87 -3.14
N ASN A 63 9.25 8.38 -4.18
CA ASN A 63 7.87 8.82 -4.10
C ASN A 63 7.08 8.01 -5.12
N THR A 64 5.90 7.58 -4.73
CA THR A 64 5.00 6.91 -5.65
C THR A 64 3.59 7.47 -5.44
N GLU A 65 2.73 7.28 -6.43
CA GLU A 65 1.38 7.76 -6.32
C GLU A 65 0.46 6.90 -7.14
N ILE A 66 -0.76 6.69 -6.68
CA ILE A 66 -1.82 6.09 -7.47
C ILE A 66 -3.08 6.95 -7.29
N SER A 67 -3.83 7.08 -8.39
CA SER A 67 -5.13 7.64 -8.33
C SER A 67 -6.05 6.63 -9.04
N PHE A 68 -7.26 6.50 -8.51
CA PHE A 68 -8.14 5.44 -8.95
C PHE A 68 -9.59 5.75 -8.63
N ILE A 69 -10.46 4.98 -9.29
CA ILE A 69 -11.86 4.93 -8.98
C ILE A 69 -12.15 3.54 -8.44
N LEU A 70 -12.93 3.46 -7.34
CA LEU A 70 -13.25 2.16 -6.75
C LEU A 70 -13.90 1.27 -7.80
N GLY A 71 -13.41 0.03 -7.87
CA GLY A 71 -13.93 -1.00 -8.78
C GLY A 71 -13.51 -0.91 -10.22
N GLN A 72 -12.65 0.04 -10.57
CA GLN A 72 -12.13 0.17 -11.91
C GLN A 72 -10.64 -0.19 -11.96
N GLU A 73 -10.32 -1.25 -12.68
CA GLU A 73 -8.92 -1.69 -12.77
C GLU A 73 -8.07 -0.60 -13.40
N PHE A 74 -6.84 -0.50 -12.95
CA PHE A 74 -5.90 0.44 -13.49
C PHE A 74 -4.51 -0.19 -13.52
N ASP A 75 -3.64 0.36 -14.36
CA ASP A 75 -2.26 -0.07 -14.47
C ASP A 75 -1.46 0.72 -13.43
N GLU A 76 -0.56 0.00 -12.76
CA GLU A 76 0.28 0.54 -11.72
C GLU A 76 1.72 0.08 -11.87
N VAL A 77 2.68 0.98 -11.66
CA VAL A 77 4.08 0.62 -11.44
C VAL A 77 4.28 0.74 -9.94
N THR A 78 4.63 -0.36 -9.33
CA THR A 78 4.83 -0.39 -7.89
C THR A 78 6.18 0.18 -7.53
N ALA A 79 6.40 0.37 -6.22
CA ALA A 79 7.63 0.99 -5.72
C ALA A 79 8.87 0.10 -6.07
N ASP A 80 8.63 -1.21 -6.21
CA ASP A 80 9.68 -2.19 -6.60
C ASP A 80 9.68 -2.48 -8.09
N ASP A 81 8.97 -1.67 -8.90
CA ASP A 81 9.01 -1.66 -10.35
C ASP A 81 8.27 -2.82 -10.97
N ARG A 82 7.34 -3.45 -10.26
CA ARG A 82 6.46 -4.39 -10.93
C ARG A 82 5.43 -3.62 -11.72
N LYS A 83 5.05 -4.17 -12.84
CA LYS A 83 3.98 -3.58 -13.64
C LYS A 83 2.77 -4.48 -13.42
N VAL A 84 1.78 -3.92 -12.72
CA VAL A 84 0.65 -4.69 -12.24
C VAL A 84 -0.69 -4.11 -12.71
N LYS A 85 -1.72 -4.95 -12.64
CA LYS A 85 -3.09 -4.50 -12.80
C LYS A 85 -3.70 -4.50 -11.43
N SER A 86 -4.17 -3.33 -11.03
CA SER A 86 -4.70 -3.10 -9.68
CA SER A 86 -4.71 -3.18 -9.71
C SER A 86 -6.17 -2.80 -9.70
N THR A 87 -6.88 -3.26 -8.69
CA THR A 87 -8.25 -2.95 -8.45
C THR A 87 -8.46 -2.72 -6.97
N ILE A 88 -9.10 -1.62 -6.64
CA ILE A 88 -9.39 -1.24 -5.24
C ILE A 88 -10.88 -1.12 -5.01
N THR A 89 -11.40 -1.76 -3.97
CA THR A 89 -12.79 -1.61 -3.60
C THR A 89 -12.89 -1.33 -2.12
N LEU A 90 -14.06 -0.89 -1.72
CA LEU A 90 -14.36 -0.66 -0.30
C LEU A 90 -15.28 -1.81 0.12
N ASP A 91 -14.88 -2.53 1.18
CA ASP A 91 -15.62 -3.67 1.70
C ASP A 91 -15.70 -3.55 3.24
N GLY A 92 -16.88 -3.32 3.79
CA GLY A 92 -17.02 -3.16 5.25
C GLY A 92 -16.11 -2.09 5.86
N GLY A 93 -15.93 -0.99 5.13
CA GLY A 93 -15.06 0.10 5.58
C GLY A 93 -13.55 -0.13 5.33
N VAL A 94 -13.17 -1.28 4.76
CA VAL A 94 -11.78 -1.58 4.44
C VAL A 94 -11.52 -1.31 2.99
N LEU A 95 -10.43 -0.60 2.70
CA LEU A 95 -10.01 -0.44 1.29
C LEU A 95 -9.19 -1.63 0.92
N VAL A 96 -9.72 -2.45 0.00
CA VAL A 96 -9.00 -3.67 -0.40
C VAL A 96 -8.43 -3.52 -1.81
N GLN A 97 -7.11 -3.57 -1.87
CA GLN A 97 -6.41 -3.48 -3.12
C GLN A 97 -5.88 -4.84 -3.50
N VAL A 98 -6.08 -5.24 -4.74
CA VAL A 98 -5.42 -6.41 -5.25
C VAL A 98 -4.56 -6.00 -6.43
N GLN A 99 -3.32 -6.48 -6.51
CA GLN A 99 -2.42 -6.33 -7.65
C GLN A 99 -2.21 -7.70 -8.28
N LYS A 100 -2.32 -7.74 -9.60
CA LYS A 100 -2.19 -8.94 -10.37
C LYS A 100 -1.09 -8.75 -11.44
N TRP A 101 -0.19 -9.72 -11.57
CA TRP A 101 0.88 -9.67 -12.58
C TRP A 101 1.41 -11.06 -12.71
N ASP A 102 1.69 -11.46 -13.94
CA ASP A 102 2.26 -12.78 -14.23
C ASP A 102 1.58 -13.94 -13.54
N GLY A 103 0.25 -13.88 -13.47
CA GLY A 103 -0.48 -14.98 -12.88
C GLY A 103 -0.41 -15.04 -11.36
N LYS A 104 0.29 -14.07 -10.74
CA LYS A 104 0.35 -13.89 -9.28
C LYS A 104 -0.60 -12.80 -8.80
N SER A 105 -0.82 -12.73 -7.48
CA SER A 105 -1.58 -11.63 -6.87
C SER A 105 -1.12 -11.40 -5.48
N THR A 106 -1.26 -10.16 -5.05
CA THR A 106 -1.05 -9.77 -3.68
C THR A 106 -2.18 -8.86 -3.26
N THR A 107 -2.57 -8.92 -2.02
CA THR A 107 -3.57 -8.01 -1.47
CA THR A 107 -3.60 -8.04 -1.46
C THR A 107 -3.01 -7.08 -0.43
N ILE A 108 -3.45 -5.84 -0.46
CA ILE A 108 -3.09 -4.81 0.49
C ILE A 108 -4.44 -4.29 1.00
N LYS A 109 -4.73 -4.47 2.29
CA LYS A 109 -5.93 -4.00 2.93
C LYS A 109 -5.55 -2.83 3.84
N ARG A 110 -6.30 -1.73 3.69
CA ARG A 110 -6.13 -0.56 4.54
C ARG A 110 -7.35 -0.35 5.33
N LYS A 111 -7.20 -0.23 6.66
CA LYS A 111 -8.35 -0.06 7.56
C LYS A 111 -8.05 0.98 8.62
N ARG A 112 -9.09 1.62 9.10
CA ARG A 112 -8.95 2.60 10.15
C ARG A 112 -9.32 1.90 11.44
N GLU A 113 -8.44 1.97 12.43
CA GLU A 113 -8.67 1.37 13.74
C GLU A 113 -8.20 2.35 14.80
N ASP A 114 -9.13 2.86 15.65
CA ASP A 114 -8.84 3.88 16.66
C ASP A 114 -8.07 4.98 15.95
N ASP A 115 -6.85 5.27 16.45
CA ASP A 115 -6.01 6.35 15.97
C ASP A 115 -5.17 5.99 14.74
N LYS A 116 -5.31 4.76 14.28
CA LYS A 116 -4.31 4.21 13.41
C LYS A 116 -4.91 3.93 12.02
N LEU A 117 -4.02 4.00 11.03
CA LEU A 117 -4.28 3.41 9.70
C LEU A 117 -3.44 2.13 9.66
N VAL A 118 -4.15 1.00 9.55
CA VAL A 118 -3.51 -0.31 9.61
C VAL A 118 -3.57 -0.89 8.20
N VAL A 119 -2.41 -1.31 7.74
CA VAL A 119 -2.25 -1.86 6.41
C VAL A 119 -1.70 -3.29 6.52
N GLU A 120 -2.48 -4.22 5.97
CA GLU A 120 -2.11 -5.62 5.94
C GLU A 120 -1.79 -6.02 4.52
N CYS A 121 -0.62 -6.56 4.30
CA CYS A 121 -0.16 -6.94 2.97
C CYS A 121 0.07 -8.45 2.96
N VAL A 122 -0.54 -9.17 2.02
CA VAL A 122 -0.46 -10.61 1.97
C VAL A 122 0.03 -11.07 0.61
N MET A 123 1.04 -11.94 0.64
CA MET A 123 1.53 -12.59 -0.57
CA MET A 123 1.55 -12.59 -0.55
C MET A 123 1.76 -14.05 -0.18
N LYS A 124 0.99 -14.94 -0.82
CA LYS A 124 1.06 -16.35 -0.48
C LYS A 124 0.92 -16.58 1.03
N GLY A 125 1.88 -17.19 1.69
CA GLY A 125 1.78 -17.49 3.12
C GLY A 125 2.32 -16.39 4.02
N VAL A 126 2.72 -15.27 3.44
CA VAL A 126 3.32 -14.22 4.23
C VAL A 126 2.35 -13.08 4.43
N THR A 127 2.25 -12.62 5.66
CA THR A 127 1.38 -11.50 6.02
C THR A 127 2.24 -10.47 6.75
N CYS A 128 2.20 -9.25 6.27
CA CYS A 128 2.90 -8.09 6.81
CA CYS A 128 2.87 -8.15 6.97
C CYS A 128 1.88 -7.10 7.37
N THR A 129 2.17 -6.48 8.52
CA THR A 129 1.29 -5.47 9.07
C THR A 129 2.05 -4.19 9.32
N ARG A 130 1.53 -3.10 8.77
CA ARG A 130 2.16 -1.75 8.88
C ARG A 130 1.15 -0.81 9.52
N VAL A 131 1.57 0.00 10.50
CA VAL A 131 0.65 0.92 11.15
C VAL A 131 1.20 2.31 10.96
N TYR A 132 0.28 3.21 10.60
CA TYR A 132 0.55 4.64 10.44
C TYR A 132 -0.31 5.40 11.45
N GLU A 133 0.20 6.56 11.87
CA GLU A 133 -0.56 7.48 12.71
C GLU A 133 -0.52 8.84 12.04
N ARG A 134 -1.47 9.68 12.41
CA ARG A 134 -1.58 10.94 11.72
C ARG A 134 -0.37 11.80 11.94
N ALA A 135 0.09 12.48 10.90
CA ALA A 135 1.33 13.28 10.99
C ALA A 135 1.06 14.51 11.85
C1 WPK B . 7.06 3.59 -1.11
C2 WPK B . 8.14 4.09 -0.38
C3 WPK B . 6.54 2.33 -0.83
N4 WPK B . 6.70 4.51 -2.06
C5 WPK B . 8.72 3.36 0.65
N6 WPK B . 8.42 5.34 -0.88
C7 WPK B . 7.06 1.58 0.18
C8 WPK B . 7.53 5.58 -1.89
C9 WPK B . 8.14 2.12 0.92
F10 WPK B . 6.51 0.39 0.40
CL11 WPK B . 8.88 1.21 2.13
C1 MYR C . 2.08 0.40 2.64
O1 MYR C . 2.57 0.59 3.78
O2 MYR C . 1.31 1.22 2.03
C2 MYR C . 2.41 -0.96 2.04
C3 MYR C . 2.51 -1.03 0.54
C4 MYR C . 3.26 -2.30 0.12
C5 MYR C . 4.38 -1.94 -0.84
C6 MYR C . 5.15 -3.11 -1.43
C7 MYR C . 6.17 -2.66 -2.50
C8 MYR C . 7.58 -3.22 -2.27
C9 MYR C . 8.49 -2.30 -1.47
C10 MYR C . 9.61 -1.62 -2.25
C11 MYR C . 10.43 -0.72 -1.33
C12 MYR C . 10.85 0.59 -2.00
C13 MYR C . 11.87 1.40 -1.20
C14 MYR C . 12.45 2.57 -1.97
#